data_1QAH
#
_entry.id   1QAH
#
_cell.length_a   89.743
_cell.length_b   89.743
_cell.length_c   89.743
_cell.angle_alpha   90.00
_cell.angle_beta   90.00
_cell.angle_gamma   90.00
#
_symmetry.space_group_name_H-M   'P 21 3'
#
loop_
_entity.id
_entity.type
_entity.pdbx_description
1 polymer 'PERCHLORIC ACID SOLUBLE PROTEIN'
2 water water
#
_entity_poly.entity_id   1
_entity_poly.type   'polypeptide(L)'
_entity_poly.pdbx_seq_one_letter_code
;SSIIRKVISTSKAPAAIGAYSQAVLVDRTIYVSGQIGMDPSSGQLVPGGVAEEAKQALKNLGEILKAAGCDFTNVVKTTV
LLADINDFGTVNEIYKTYFQGNLPARAAYQVAALPKGSRIEIEAIAVQGPFTTAGL
;
_entity_poly.pdbx_strand_id   A,B
#
# COMPACT_ATOMS: atom_id res chain seq x y z
N SER A 1 14.92 15.21 -20.75
CA SER A 1 15.92 15.20 -19.64
C SER A 1 15.44 14.98 -18.22
N SER A 2 14.31 15.26 -17.64
CA SER A 2 13.97 14.71 -16.32
C SER A 2 13.05 13.51 -16.61
N ILE A 3 13.44 12.29 -16.24
CA ILE A 3 12.60 11.14 -16.57
C ILE A 3 11.70 10.74 -15.40
N ILE A 4 10.59 10.15 -15.81
CA ILE A 4 9.61 9.70 -14.80
C ILE A 4 10.21 8.62 -13.95
N ARG A 5 10.05 8.78 -12.64
CA ARG A 5 10.49 7.79 -11.68
C ARG A 5 9.27 7.66 -10.71
N LYS A 6 8.77 6.44 -10.63
CA LYS A 6 7.62 6.26 -9.73
C LYS A 6 7.68 4.99 -8.89
N VAL A 7 7.30 5.11 -7.61
CA VAL A 7 7.12 3.94 -6.78
C VAL A 7 5.78 3.31 -7.16
N ILE A 8 5.78 2.04 -7.57
CA ILE A 8 4.51 1.43 -7.94
C ILE A 8 3.97 0.83 -6.64
N SER A 9 2.63 1.00 -6.45
CA SER A 9 2.15 0.46 -5.16
C SER A 9 0.67 0.13 -5.43
N THR A 10 0.23 -1.03 -5.04
CA THR A 10 -1.17 -1.39 -5.26
C THR A 10 -1.57 -2.28 -4.10
N SER A 11 -2.80 -2.03 -3.56
CA SER A 11 -3.23 -2.93 -2.48
C SER A 11 -3.72 -4.25 -3.05
N LYS A 12 -3.80 -4.38 -4.36
CA LYS A 12 -4.14 -5.72 -4.91
C LYS A 12 -3.01 -6.69 -4.64
N ALA A 13 -1.75 -6.26 -4.36
CA ALA A 13 -0.69 -7.21 -4.05
C ALA A 13 -0.28 -7.08 -2.59
N PRO A 14 0.50 -7.98 -2.03
CA PRO A 14 0.91 -7.98 -0.65
C PRO A 14 1.68 -6.71 -0.25
N ALA A 15 1.42 -6.23 0.97
CA ALA A 15 2.20 -5.12 1.49
C ALA A 15 3.69 -5.50 1.43
N ALA A 16 4.56 -4.51 1.43
CA ALA A 16 5.98 -4.74 1.58
C ALA A 16 6.24 -5.16 3.03
N ILE A 17 7.12 -6.13 3.25
CA ILE A 17 7.36 -6.49 4.67
C ILE A 17 8.77 -6.13 5.05
N GLY A 18 9.43 -5.30 4.23
CA GLY A 18 10.80 -4.90 4.45
C GLY A 18 11.04 -3.58 3.70
N ALA A 19 12.27 -3.13 3.59
CA ALA A 19 12.58 -1.85 2.97
C ALA A 19 12.75 -1.96 1.44
N TYR A 20 11.61 -2.07 0.79
CA TYR A 20 11.55 -2.19 -0.67
C TYR A 20 10.18 -1.74 -1.15
N SER A 21 10.16 -1.31 -2.42
CA SER A 21 8.97 -0.96 -3.12
C SER A 21 8.46 -2.22 -3.85
N GLN A 22 7.16 -2.34 -4.07
CA GLN A 22 6.71 -3.48 -4.87
C GLN A 22 7.44 -3.47 -6.25
N ALA A 23 7.44 -2.28 -6.82
CA ALA A 23 8.25 -2.14 -8.08
C ALA A 23 8.64 -0.68 -8.21
N VAL A 24 9.57 -0.44 -9.10
CA VAL A 24 9.92 0.95 -9.43
C VAL A 24 9.85 1.12 -10.93
N LEU A 25 9.13 2.17 -11.36
CA LEU A 25 9.07 2.56 -12.75
C LEU A 25 10.06 3.70 -13.00
N VAL A 26 10.95 3.51 -14.00
CA VAL A 26 11.97 4.50 -14.23
C VAL A 26 12.09 4.62 -15.73
N ASP A 27 11.71 5.82 -16.23
CA ASP A 27 11.50 6.11 -17.63
C ASP A 27 10.38 5.17 -18.13
N ARG A 28 10.72 4.10 -18.87
CA ARG A 28 9.63 3.16 -19.15
C ARG A 28 9.90 1.73 -18.66
N THR A 29 10.97 1.62 -17.87
CA THR A 29 11.32 0.25 -17.41
C THR A 29 10.82 0.06 -15.98
N ILE A 30 10.23 -1.11 -15.75
CA ILE A 30 9.73 -1.35 -14.42
C ILE A 30 10.58 -2.44 -13.80
N TYR A 31 11.20 -2.20 -12.62
CA TYR A 31 11.94 -3.30 -11.98
C TYR A 31 11.00 -3.78 -10.86
N VAL A 32 10.65 -5.06 -10.90
CA VAL A 32 9.70 -5.60 -9.90
C VAL A 32 10.39 -6.39 -8.80
N SER A 33 10.06 -6.11 -7.54
CA SER A 33 10.69 -6.89 -6.47
C SER A 33 10.40 -8.39 -6.68
N GLY A 34 11.23 -9.16 -6.00
CA GLY A 34 11.11 -10.62 -5.98
C GLY A 34 9.75 -10.99 -5.38
N GLN A 35 8.91 -11.58 -6.22
CA GLN A 35 7.56 -11.95 -5.81
C GLN A 35 7.52 -13.34 -5.19
N ILE A 36 6.91 -13.43 -3.98
CA ILE A 36 6.74 -14.81 -3.43
C ILE A 36 5.24 -15.01 -3.32
N GLY A 37 4.72 -16.20 -3.10
CA GLY A 37 3.29 -16.44 -3.09
C GLY A 37 2.60 -16.04 -1.80
N MET A 38 2.77 -14.79 -1.38
CA MET A 38 2.07 -14.27 -0.22
C MET A 38 0.67 -13.87 -0.65
N ASP A 39 -0.31 -14.14 0.25
CA ASP A 39 -1.66 -13.69 0.00
C ASP A 39 -1.71 -12.15 0.23
N PRO A 40 -2.31 -11.44 -0.67
CA PRO A 40 -2.37 -9.99 -0.69
C PRO A 40 -3.02 -9.41 0.56
N SER A 41 -4.13 -10.02 1.01
CA SER A 41 -4.84 -9.52 2.18
C SER A 41 -4.06 -9.71 3.47
N SER A 42 -3.65 -10.93 3.73
CA SER A 42 -2.95 -11.32 4.93
C SER A 42 -1.44 -11.27 4.93
N GLY A 43 -0.79 -11.28 3.77
CA GLY A 43 0.65 -11.32 3.69
C GLY A 43 1.39 -12.60 3.98
N GLN A 44 0.79 -13.69 4.48
CA GLN A 44 1.53 -14.91 4.70
C GLN A 44 1.52 -15.73 3.41
N LEU A 45 2.38 -16.73 3.33
CA LEU A 45 2.42 -17.58 2.14
C LEU A 45 1.09 -18.31 1.95
N VAL A 46 0.64 -18.43 0.70
CA VAL A 46 -0.51 -19.32 0.51
C VAL A 46 -0.01 -20.75 0.82
N PRO A 47 -0.85 -21.58 1.42
CA PRO A 47 -0.46 -22.94 1.76
C PRO A 47 -0.50 -23.84 0.54
N GLY A 48 0.05 -25.05 0.65
CA GLY A 48 -0.05 -25.93 -0.53
C GLY A 48 1.26 -26.15 -1.25
N GLY A 49 2.33 -25.44 -0.91
CA GLY A 49 3.60 -25.71 -1.59
C GLY A 49 3.79 -24.91 -2.89
N VAL A 50 4.79 -25.35 -3.65
CA VAL A 50 5.30 -24.65 -4.81
C VAL A 50 4.28 -24.35 -5.89
N ALA A 51 3.36 -25.25 -6.25
CA ALA A 51 2.41 -24.91 -7.31
C ALA A 51 1.48 -23.76 -6.92
N GLU A 52 0.96 -23.81 -5.68
CA GLU A 52 0.07 -22.75 -5.24
C GLU A 52 0.87 -21.44 -5.03
N GLU A 53 2.06 -21.56 -4.48
CA GLU A 53 2.92 -20.37 -4.27
C GLU A 53 3.27 -19.73 -5.63
N ALA A 54 3.59 -20.60 -6.59
CA ALA A 54 3.92 -20.01 -7.91
C ALA A 54 2.77 -19.25 -8.50
N LYS A 55 1.57 -19.88 -8.51
CA LYS A 55 0.42 -19.17 -8.97
C LYS A 55 0.19 -17.83 -8.21
N GLN A 56 0.33 -17.86 -6.89
CA GLN A 56 0.05 -16.59 -6.18
C GLN A 56 1.12 -15.56 -6.55
N ALA A 57 2.37 -16.02 -6.66
CA ALA A 57 3.42 -15.02 -6.95
C ALA A 57 3.17 -14.35 -8.28
N LEU A 58 2.83 -15.12 -9.33
CA LEU A 58 2.52 -14.63 -10.65
C LEU A 58 1.28 -13.72 -10.64
N LYS A 59 0.27 -14.12 -9.81
CA LYS A 59 -0.88 -13.21 -9.72
C LYS A 59 -0.41 -11.86 -9.11
N ASN A 60 0.45 -11.95 -8.11
CA ASN A 60 0.97 -10.75 -7.40
C ASN A 60 1.77 -9.88 -8.40
N LEU A 61 2.55 -10.57 -9.24
CA LEU A 61 3.27 -9.85 -10.31
C LEU A 61 2.36 -9.12 -11.29
N GLY A 62 1.30 -9.83 -11.76
CA GLY A 62 0.27 -9.27 -12.60
C GLY A 62 -0.31 -7.98 -12.01
N GLU A 63 -0.68 -8.04 -10.73
CA GLU A 63 -1.36 -6.85 -10.15
C GLU A 63 -0.38 -5.68 -10.04
N ILE A 64 0.87 -5.98 -9.66
CA ILE A 64 1.89 -4.91 -9.66
C ILE A 64 2.08 -4.34 -11.04
N LEU A 65 2.18 -5.15 -12.11
CA LEU A 65 2.25 -4.65 -13.48
C LEU A 65 1.02 -3.81 -13.85
N LYS A 66 -0.17 -4.29 -13.43
CA LYS A 66 -1.41 -3.57 -13.67
C LYS A 66 -1.32 -2.16 -13.10
N ALA A 67 -0.83 -1.99 -11.89
CA ALA A 67 -0.64 -0.69 -11.27
C ALA A 67 0.36 0.21 -12.00
N ALA A 68 1.22 -0.33 -12.85
CA ALA A 68 2.20 0.42 -13.64
C ALA A 68 1.77 0.51 -15.11
N GLY A 69 0.49 0.31 -15.37
CA GLY A 69 -0.12 0.38 -16.68
C GLY A 69 0.36 -0.72 -17.64
N CYS A 70 0.72 -1.87 -17.07
CA CYS A 70 1.17 -2.97 -17.92
C CYS A 70 0.41 -4.25 -17.67
N ASP A 71 0.81 -5.30 -18.43
CA ASP A 71 0.29 -6.63 -18.05
C ASP A 71 1.39 -7.63 -18.32
N PHE A 72 1.08 -8.92 -18.41
CA PHE A 72 2.26 -9.85 -18.56
C PHE A 72 2.95 -9.76 -19.90
N THR A 73 2.36 -9.17 -20.94
CA THR A 73 2.97 -8.97 -22.23
C THR A 73 4.14 -7.96 -22.18
N ASN A 74 4.11 -7.11 -21.15
CA ASN A 74 5.18 -6.14 -20.96
C ASN A 74 6.45 -6.73 -20.34
N VAL A 75 6.39 -7.95 -19.88
CA VAL A 75 7.58 -8.54 -19.16
C VAL A 75 8.61 -8.83 -20.24
N VAL A 76 9.88 -8.57 -19.99
CA VAL A 76 10.95 -8.79 -20.93
C VAL A 76 11.97 -9.78 -20.34
N LYS A 77 11.97 -9.86 -19.02
CA LYS A 77 12.98 -10.74 -18.39
C LYS A 77 12.46 -11.21 -17.04
N THR A 78 12.52 -12.49 -16.72
CA THR A 78 12.19 -12.99 -15.40
C THR A 78 13.34 -13.87 -14.88
N THR A 79 13.35 -13.96 -13.56
CA THR A 79 14.29 -14.80 -12.85
C THR A 79 13.47 -15.73 -11.93
N VAL A 80 13.58 -17.02 -12.19
CA VAL A 80 12.79 -17.97 -11.36
C VAL A 80 13.75 -18.62 -10.35
N LEU A 81 13.54 -18.30 -9.08
CA LEU A 81 14.40 -18.79 -8.01
C LEU A 81 13.61 -19.91 -7.32
N LEU A 82 14.21 -21.07 -7.26
CA LEU A 82 13.53 -22.25 -6.72
C LEU A 82 14.24 -22.80 -5.49
N ALA A 83 13.43 -23.29 -4.55
CA ALA A 83 13.93 -24.01 -3.38
C ALA A 83 14.28 -25.45 -3.80
N ASP A 84 13.68 -25.93 -4.87
CA ASP A 84 13.99 -27.26 -5.39
C ASP A 84 14.01 -27.26 -6.90
N ILE A 85 15.21 -27.53 -7.46
CA ILE A 85 15.31 -27.58 -8.91
C ILE A 85 14.33 -28.53 -9.56
N ASN A 86 13.94 -29.63 -8.89
CA ASN A 86 13.02 -30.58 -9.49
C ASN A 86 11.59 -30.06 -9.65
N ASP A 87 11.31 -28.87 -9.13
CA ASP A 87 10.02 -28.24 -9.32
C ASP A 87 10.02 -27.47 -10.64
N PHE A 88 11.13 -27.45 -11.34
CA PHE A 88 11.23 -26.55 -12.52
C PHE A 88 10.20 -26.84 -13.58
N GLY A 89 9.90 -28.10 -13.92
CA GLY A 89 8.88 -28.46 -14.88
C GLY A 89 7.48 -28.01 -14.48
N THR A 90 7.10 -28.26 -13.22
CA THR A 90 5.80 -27.82 -12.71
C THR A 90 5.63 -26.30 -12.82
N VAL A 91 6.68 -25.60 -12.43
CA VAL A 91 6.64 -24.13 -12.43
C VAL A 91 6.60 -23.59 -13.85
N ASN A 92 7.30 -24.26 -14.78
CA ASN A 92 7.31 -23.82 -16.19
C ASN A 92 5.91 -23.93 -16.75
N GLU A 93 5.27 -25.06 -16.39
CA GLU A 93 3.92 -25.28 -16.83
C GLU A 93 3.01 -24.16 -16.31
N ILE A 94 3.10 -23.76 -15.05
CA ILE A 94 2.25 -22.73 -14.48
C ILE A 94 2.50 -21.39 -15.19
N TYR A 95 3.79 -21.17 -15.34
CA TYR A 95 4.35 -19.95 -15.90
C TYR A 95 3.90 -19.69 -17.32
N LYS A 96 3.70 -20.77 -18.08
CA LYS A 96 3.25 -20.72 -19.46
C LYS A 96 1.87 -20.11 -19.63
N THR A 97 1.01 -20.35 -18.65
CA THR A 97 -0.36 -19.86 -18.78
C THR A 97 -0.49 -18.36 -18.52
N TYR A 98 0.58 -17.72 -18.01
CA TYR A 98 0.50 -16.28 -17.76
C TYR A 98 1.11 -15.50 -18.89
N PHE A 99 2.13 -16.14 -19.44
CA PHE A 99 3.01 -15.56 -20.46
C PHE A 99 2.75 -16.26 -21.76
N GLN A 100 1.87 -15.79 -22.62
CA GLN A 100 1.50 -16.57 -23.81
C GLN A 100 1.49 -15.79 -25.11
N GLY A 101 2.69 -15.46 -25.59
CA GLY A 101 2.95 -14.67 -26.80
C GLY A 101 4.49 -14.53 -26.80
N ASN A 102 5.07 -13.38 -27.01
CA ASN A 102 6.48 -13.06 -26.99
C ASN A 102 7.05 -13.31 -25.59
N LEU A 103 7.69 -14.44 -25.40
CA LEU A 103 8.08 -14.82 -24.04
C LEU A 103 9.28 -14.04 -23.57
N PRO A 104 9.26 -13.65 -22.28
CA PRO A 104 10.40 -12.99 -21.73
C PRO A 104 11.67 -13.82 -21.88
N ALA A 105 12.80 -13.15 -21.72
CA ALA A 105 14.04 -13.87 -21.43
C ALA A 105 13.86 -14.49 -20.05
N ARG A 106 14.66 -15.50 -19.68
CA ARG A 106 14.45 -16.12 -18.37
C ARG A 106 15.75 -16.70 -17.86
N ALA A 107 15.94 -16.63 -16.55
CA ALA A 107 17.02 -17.40 -15.87
C ALA A 107 16.28 -18.22 -14.80
N ALA A 108 16.84 -19.39 -14.43
CA ALA A 108 16.18 -20.19 -13.44
C ALA A 108 17.23 -21.11 -12.78
N TYR A 109 17.15 -21.08 -11.45
CA TYR A 109 18.09 -21.90 -10.67
C TYR A 109 17.61 -22.06 -9.24
N GLN A 110 18.15 -23.14 -8.63
CA GLN A 110 17.79 -23.41 -7.24
C GLN A 110 18.75 -22.71 -6.29
N VAL A 111 18.16 -22.01 -5.32
CA VAL A 111 18.84 -21.25 -4.30
C VAL A 111 18.81 -22.11 -3.01
N ALA A 112 19.58 -21.65 -2.05
CA ALA A 112 19.70 -22.45 -0.80
C ALA A 112 18.49 -22.19 0.09
N ALA A 113 17.89 -21.01 0.04
CA ALA A 113 16.66 -20.73 0.75
C ALA A 113 16.03 -19.41 0.34
N LEU A 114 14.70 -19.28 0.41
CA LEU A 114 14.00 -18.05 0.10
C LEU A 114 13.40 -17.40 1.35
N PRO A 115 13.08 -16.12 1.29
CA PRO A 115 12.35 -15.52 2.40
C PRO A 115 11.08 -16.29 2.76
N LYS A 116 10.91 -16.42 4.09
CA LYS A 116 9.75 -17.01 4.72
C LYS A 116 9.62 -18.49 4.49
N GLY A 117 10.71 -19.19 4.17
CA GLY A 117 10.62 -20.58 3.76
C GLY A 117 9.80 -20.82 2.50
N SER A 118 9.75 -19.88 1.58
CA SER A 118 9.05 -20.03 0.33
C SER A 118 9.77 -21.09 -0.55
N ARG A 119 9.01 -21.61 -1.49
CA ARG A 119 9.55 -22.58 -2.45
C ARG A 119 9.85 -21.88 -3.78
N ILE A 120 9.44 -20.62 -3.97
CA ILE A 120 9.68 -19.97 -5.26
C ILE A 120 9.66 -18.45 -5.10
N GLU A 121 10.65 -17.78 -5.72
CA GLU A 121 10.58 -16.31 -5.80
C GLU A 121 10.77 -15.92 -7.28
N ILE A 122 9.95 -15.02 -7.80
CA ILE A 122 10.04 -14.66 -9.21
C ILE A 122 10.37 -13.15 -9.35
N GLU A 123 11.49 -12.85 -9.98
CA GLU A 123 11.81 -11.41 -10.19
C GLU A 123 11.37 -11.07 -11.62
N ALA A 124 11.10 -9.80 -11.90
CA ALA A 124 10.76 -9.52 -13.28
C ALA A 124 11.17 -8.12 -13.66
N ILE A 125 11.53 -7.99 -14.94
CA ILE A 125 11.62 -6.63 -15.46
C ILE A 125 10.62 -6.47 -16.59
N ALA A 126 9.92 -5.33 -16.61
CA ALA A 126 8.97 -5.08 -17.66
C ALA A 126 9.20 -3.70 -18.27
N VAL A 127 8.71 -3.50 -19.49
CA VAL A 127 8.88 -2.23 -20.20
C VAL A 127 7.47 -1.81 -20.66
N GLN A 128 7.18 -0.53 -20.33
CA GLN A 128 5.89 -0.01 -20.76
C GLN A 128 5.84 0.08 -22.26
N GLY A 129 4.62 -0.24 -22.79
CA GLY A 129 4.57 -0.11 -24.21
C GLY A 129 4.04 -0.04 -25.50
N PRO A 130 3.71 1.09 -26.13
CA PRO A 130 3.38 0.91 -27.55
C PRO A 130 4.81 0.43 -27.90
N PHE A 131 4.82 -0.79 -28.36
CA PHE A 131 5.94 -1.42 -28.97
C PHE A 131 5.56 -1.31 -30.46
N THR A 132 6.53 -1.27 -31.31
CA THR A 132 6.12 -1.24 -32.75
C THR A 132 5.42 -2.53 -33.10
N SER B 1 -19.06 38.27 13.76
CA SER B 1 -19.31 37.96 12.33
C SER B 1 -18.15 37.78 11.38
N SER B 2 -16.88 38.04 11.62
CA SER B 2 -15.85 37.56 10.68
C SER B 2 -15.22 36.37 11.41
N ILE B 3 -15.39 35.14 10.89
CA ILE B 3 -14.92 34.00 11.68
C ILE B 3 -13.50 33.58 11.34
N ILE B 4 -12.99 32.81 12.30
CA ILE B 4 -11.63 32.32 12.16
C ILE B 4 -11.58 31.31 11.01
N ARG B 5 -10.62 31.54 10.13
CA ARG B 5 -10.36 30.54 9.10
C ARG B 5 -8.84 30.39 8.96
N LYS B 6 -8.36 29.16 9.13
CA LYS B 6 -6.95 28.87 9.21
C LYS B 6 -6.57 27.55 8.52
N VAL B 7 -5.49 27.63 7.74
CA VAL B 7 -4.87 26.47 7.14
C VAL B 7 -3.98 25.83 8.19
N ILE B 8 -4.16 24.56 8.50
CA ILE B 8 -3.29 23.85 9.43
C ILE B 8 -2.15 23.18 8.69
N SER B 9 -0.93 23.41 9.20
CA SER B 9 0.25 22.95 8.45
C SER B 9 1.32 22.52 9.44
N THR B 10 1.74 21.29 9.33
CA THR B 10 2.71 20.74 10.26
C THR B 10 3.70 19.90 9.46
N SER B 11 4.96 20.01 9.91
CA SER B 11 6.04 19.22 9.35
C SER B 11 6.00 17.77 9.76
N LYS B 12 5.24 17.41 10.79
CA LYS B 12 5.28 16.06 11.31
C LYS B 12 4.17 15.18 10.81
N ALA B 13 3.52 15.61 9.72
CA ALA B 13 2.53 14.77 9.05
C ALA B 13 2.86 15.01 7.59
N PRO B 14 2.51 14.07 6.72
CA PRO B 14 2.82 14.20 5.31
C PRO B 14 2.43 15.54 4.73
N ALA B 15 3.39 16.27 4.15
CA ALA B 15 3.08 17.54 3.51
C ALA B 15 1.99 17.29 2.46
N ALA B 16 1.25 18.34 2.19
CA ALA B 16 0.14 18.30 1.28
C ALA B 16 0.58 18.47 -0.17
N ILE B 17 0.29 17.42 -0.94
CA ILE B 17 0.50 17.36 -2.37
C ILE B 17 -0.05 18.59 -3.08
N GLY B 18 0.84 19.46 -3.54
CA GLY B 18 0.40 20.66 -4.25
C GLY B 18 -0.81 21.29 -3.55
N ALA B 19 -1.97 21.15 -4.19
CA ALA B 19 -3.20 21.72 -3.69
C ALA B 19 -3.60 21.08 -2.38
N TYR B 20 -4.73 21.38 -1.80
CA TYR B 20 -5.20 20.89 -0.51
C TYR B 20 -4.21 21.22 0.62
N SER B 21 -4.82 21.39 1.78
CA SER B 21 -4.25 21.75 3.06
C SER B 21 -4.29 20.49 3.93
N GLN B 22 -3.42 20.26 4.89
CA GLN B 22 -3.51 19.09 5.76
C GLN B 22 -4.83 19.16 6.56
N ALA B 23 -5.21 20.37 6.94
CA ALA B 23 -6.52 20.55 7.59
C ALA B 23 -6.84 22.05 7.50
N VAL B 24 -8.15 22.31 7.55
CA VAL B 24 -8.63 23.68 7.52
C VAL B 24 -9.51 23.90 8.76
N LEU B 25 -9.12 24.89 9.57
CA LEU B 25 -9.89 25.25 10.76
C LEU B 25 -10.77 26.43 10.34
N VAL B 26 -12.04 26.27 10.64
CA VAL B 26 -13.09 27.24 10.27
C VAL B 26 -14.13 27.31 11.37
N ASP B 27 -14.10 28.51 11.99
CA ASP B 27 -14.77 28.79 13.25
C ASP B 27 -14.05 27.92 14.30
N ARG B 28 -14.70 26.89 14.80
CA ARG B 28 -14.10 25.90 15.62
C ARG B 28 -14.01 24.50 14.98
N THR B 29 -14.49 24.31 13.77
CA THR B 29 -14.45 22.94 13.20
C THR B 29 -13.22 22.75 12.34
N ILE B 30 -12.59 21.61 12.44
CA ILE B 30 -11.40 21.31 11.65
C ILE B 30 -11.77 20.16 10.67
N TYR B 31 -11.63 20.47 9.39
CA TYR B 31 -11.84 19.41 8.39
C TYR B 31 -10.46 18.83 8.10
N VAL B 32 -10.19 17.61 8.43
CA VAL B 32 -8.80 17.08 8.20
C VAL B 32 -8.82 16.33 6.88
N SER B 33 -7.81 16.59 6.06
CA SER B 33 -7.65 15.77 4.83
C SER B 33 -7.49 14.33 5.19
N GLY B 34 -7.80 13.44 4.16
CA GLY B 34 -7.68 12.00 4.44
C GLY B 34 -6.22 11.60 4.75
N GLN B 35 -6.04 10.83 5.82
CA GLN B 35 -4.68 10.42 6.15
C GLN B 35 -4.49 8.93 5.77
N ILE B 36 -3.27 8.68 5.25
CA ILE B 36 -2.87 7.30 4.97
C ILE B 36 -1.62 6.98 5.79
N GLY B 37 -1.16 5.74 5.68
CA GLY B 37 -0.03 5.30 6.53
C GLY B 37 1.30 5.68 5.92
N MET B 38 1.45 6.91 5.52
CA MET B 38 2.68 7.39 4.88
C MET B 38 3.57 8.04 5.93
N ASP B 39 4.83 7.61 5.99
CA ASP B 39 5.78 8.28 6.92
C ASP B 39 6.02 9.70 6.46
N PRO B 40 5.93 10.72 7.29
CA PRO B 40 6.14 12.09 6.87
C PRO B 40 7.56 12.28 6.38
N SER B 41 8.50 11.59 6.98
CA SER B 41 9.93 11.77 6.68
C SER B 41 10.34 11.16 5.35
N SER B 42 9.93 9.95 5.04
CA SER B 42 10.38 9.29 3.81
C SER B 42 9.43 9.50 2.64
N GLY B 43 8.17 9.77 3.03
CA GLY B 43 7.12 9.95 2.02
C GLY B 43 6.65 8.63 1.44
N GLN B 44 7.01 7.52 2.08
CA GLN B 44 6.59 6.22 1.60
C GLN B 44 5.47 5.65 2.49
N LEU B 45 4.80 4.63 1.96
CA LEU B 45 3.81 3.91 2.81
C LEU B 45 4.56 3.01 3.75
N VAL B 46 4.32 3.02 5.07
CA VAL B 46 5.07 2.10 5.95
C VAL B 46 4.80 0.66 5.59
N PRO B 47 5.75 -0.25 5.82
CA PRO B 47 5.66 -1.65 5.51
C PRO B 47 4.85 -2.40 6.55
N GLY B 48 4.37 -3.60 6.22
CA GLY B 48 3.69 -4.40 7.22
C GLY B 48 2.21 -4.53 6.97
N GLY B 49 1.63 -3.75 6.05
CA GLY B 49 0.24 -3.93 5.76
C GLY B 49 -0.68 -3.11 6.67
N VAL B 50 -1.95 -3.49 6.62
CA VAL B 50 -3.03 -2.65 7.21
C VAL B 50 -2.91 -2.17 8.63
N ALA B 51 -2.39 -3.01 9.53
CA ALA B 51 -2.23 -2.66 10.93
C ALA B 51 -1.17 -1.63 11.11
N GLU B 52 0.02 -1.76 10.51
CA GLU B 52 1.01 -0.71 10.59
C GLU B 52 0.50 0.57 9.92
N GLU B 53 -0.22 0.43 8.78
CA GLU B 53 -0.70 1.61 8.07
C GLU B 53 -1.78 2.35 8.91
N ALA B 54 -2.65 1.58 9.50
CA ALA B 54 -3.71 2.21 10.34
C ALA B 54 -3.01 2.97 11.46
N LYS B 55 -2.01 2.39 12.12
CA LYS B 55 -1.33 3.10 13.19
C LYS B 55 -0.66 4.38 12.71
N GLN B 56 0.04 4.28 11.57
CA GLN B 56 0.71 5.45 11.04
C GLN B 56 -0.25 6.52 10.52
N ALA B 57 -1.45 6.08 10.04
CA ALA B 57 -2.41 7.09 9.59
C ALA B 57 -3.02 7.80 10.84
N LEU B 58 -3.27 7.04 11.89
CA LEU B 58 -3.72 7.67 13.14
C LEU B 58 -2.69 8.58 13.79
N LYS B 59 -1.42 8.24 13.67
CA LYS B 59 -0.36 9.13 14.18
C LYS B 59 -0.27 10.43 13.39
N ASN B 60 -0.43 10.34 12.05
CA ASN B 60 -0.41 11.51 11.20
C ASN B 60 -1.58 12.45 11.54
N LEU B 61 -2.76 11.84 11.72
CA LEU B 61 -3.97 12.57 12.13
C LEU B 61 -3.62 13.26 13.50
N GLY B 62 -3.04 12.51 14.43
CA GLY B 62 -2.66 13.12 15.73
C GLY B 62 -1.86 14.39 15.64
N GLU B 63 -0.84 14.44 14.81
CA GLU B 63 0.07 15.53 14.59
C GLU B 63 -0.63 16.71 13.93
N ILE B 64 -1.58 16.45 13.01
CA ILE B 64 -2.30 17.55 12.43
C ILE B 64 -3.23 18.17 13.49
N LEU B 65 -3.88 17.35 14.29
CA LEU B 65 -4.75 17.83 15.34
C LEU B 65 -3.90 18.69 16.32
N LYS B 66 -2.76 18.14 16.71
CA LYS B 66 -1.84 18.83 17.60
C LYS B 66 -1.48 20.19 17.05
N ALA B 67 -1.25 20.34 15.73
CA ALA B 67 -0.95 21.67 15.20
C ALA B 67 -2.16 22.58 15.20
N ALA B 68 -3.36 22.07 15.48
CA ALA B 68 -4.56 22.89 15.56
C ALA B 68 -4.91 23.12 17.03
N GLY B 69 -4.00 22.70 17.91
CA GLY B 69 -4.26 22.87 19.34
C GLY B 69 -5.33 21.88 19.79
N CYS B 70 -5.38 20.70 19.18
CA CYS B 70 -6.30 19.66 19.61
C CYS B 70 -5.60 18.31 19.77
N ASP B 71 -6.32 17.30 20.20
CA ASP B 71 -5.78 15.95 20.21
C ASP B 71 -6.91 15.02 19.78
N PHE B 72 -6.74 13.72 20.05
CA PHE B 72 -7.79 12.80 19.57
C PHE B 72 -9.13 12.99 20.25
N THR B 73 -9.27 13.53 21.45
CA THR B 73 -10.56 13.72 22.09
C THR B 73 -11.42 14.72 21.33
N ASN B 74 -10.85 15.58 20.51
CA ASN B 74 -11.56 16.58 19.75
C ASN B 74 -12.29 15.99 18.52
N VAL B 75 -11.89 14.84 18.09
CA VAL B 75 -12.48 14.21 16.90
C VAL B 75 -13.91 13.82 17.21
N VAL B 76 -14.80 14.32 16.34
CA VAL B 76 -16.23 14.08 16.45
C VAL B 76 -16.70 13.12 15.35
N LYS B 77 -15.87 12.98 14.29
CA LYS B 77 -16.39 12.06 13.25
C LYS B 77 -15.21 11.50 12.45
N THR B 78 -15.31 10.21 12.12
CA THR B 78 -14.26 9.71 11.22
C THR B 78 -14.91 8.85 10.18
N THR B 79 -14.19 8.74 9.02
CA THR B 79 -14.67 7.84 7.99
C THR B 79 -13.45 6.90 7.78
N VAL B 80 -13.75 5.65 7.83
CA VAL B 80 -12.65 4.66 7.70
C VAL B 80 -12.82 3.97 6.35
N LEU B 81 -11.88 4.25 5.44
CA LEU B 81 -11.93 3.75 4.08
C LEU B 81 -10.93 2.61 3.98
N LEU B 82 -11.42 1.40 3.71
CA LEU B 82 -10.53 0.25 3.60
C LEU B 82 -10.41 -0.31 2.19
N ALA B 83 -9.20 -0.82 1.89
CA ALA B 83 -9.07 -1.61 0.66
C ALA B 83 -9.71 -2.98 0.79
N ASP B 84 -9.95 -3.44 2.03
CA ASP B 84 -10.63 -4.75 2.17
C ASP B 84 -11.48 -4.72 3.45
N ILE B 85 -12.78 -4.95 3.25
CA ILE B 85 -13.76 -4.84 4.38
C ILE B 85 -13.45 -5.87 5.46
N ASN B 86 -12.70 -6.93 5.12
CA ASN B 86 -12.30 -7.92 6.11
C ASN B 86 -11.23 -7.41 7.06
N ASP B 87 -10.61 -6.26 6.82
CA ASP B 87 -9.67 -5.65 7.73
C ASP B 87 -10.35 -4.87 8.86
N PHE B 88 -11.66 -4.69 8.77
CA PHE B 88 -12.41 -3.83 9.69
C PHE B 88 -12.18 -4.16 11.15
N GLY B 89 -12.09 -5.42 11.48
CA GLY B 89 -11.88 -5.93 12.84
C GLY B 89 -10.53 -5.48 13.38
N THR B 90 -9.48 -5.66 12.58
CA THR B 90 -8.14 -5.21 12.93
C THR B 90 -8.03 -3.73 13.22
N VAL B 91 -8.53 -2.94 12.24
CA VAL B 91 -8.48 -1.50 12.34
C VAL B 91 -9.38 -1.09 13.51
N ASN B 92 -10.51 -1.75 13.75
CA ASN B 92 -11.37 -1.28 14.84
C ASN B 92 -10.66 -1.34 16.20
N GLU B 93 -9.89 -2.41 16.41
CA GLU B 93 -9.09 -2.58 17.62
C GLU B 93 -7.97 -1.57 17.75
N ILE B 94 -7.20 -1.36 16.68
CA ILE B 94 -6.16 -0.35 16.69
C ILE B 94 -6.74 1.03 17.04
N TYR B 95 -7.86 1.32 16.40
CA TYR B 95 -8.55 2.60 16.50
C TYR B 95 -8.96 2.88 17.92
N LYS B 96 -9.33 1.85 18.68
CA LYS B 96 -9.65 1.95 20.09
C LYS B 96 -8.46 2.36 20.96
N THR B 97 -7.23 2.20 20.54
CA THR B 97 -6.07 2.62 21.31
C THR B 97 -5.82 4.12 21.21
N TYR B 98 -6.49 4.81 20.29
CA TYR B 98 -6.41 6.23 20.09
C TYR B 98 -7.60 6.98 20.64
N PHE B 99 -8.76 6.38 20.50
CA PHE B 99 -10.04 6.95 20.78
C PHE B 99 -10.69 6.33 22.02
N GLN B 100 -10.53 7.09 23.11
CA GLN B 100 -11.15 6.70 24.38
C GLN B 100 -12.24 7.68 24.76
N GLY B 101 -13.16 7.29 25.63
CA GLY B 101 -14.19 8.18 26.14
C GLY B 101 -15.27 8.58 25.15
N ASN B 102 -15.43 9.87 24.88
CA ASN B 102 -16.41 10.40 23.95
C ASN B 102 -15.97 10.06 22.52
N LEU B 103 -16.31 8.84 22.13
CA LEU B 103 -15.94 8.23 20.89
C LEU B 103 -16.65 8.87 19.71
N PRO B 104 -15.94 9.06 18.60
CA PRO B 104 -16.50 9.78 17.49
C PRO B 104 -17.61 8.99 16.80
N ALA B 105 -18.43 9.72 16.05
CA ALA B 105 -19.32 9.04 15.10
C ALA B 105 -18.44 8.38 14.00
N ARG B 106 -18.98 7.37 13.32
CA ARG B 106 -18.09 6.72 12.32
C ARG B 106 -18.92 6.19 11.15
N ALA B 107 -18.19 6.13 10.01
CA ALA B 107 -18.72 5.46 8.83
C ALA B 107 -17.51 4.72 8.23
N ALA B 108 -17.79 3.50 7.78
CA ALA B 108 -16.65 2.67 7.35
C ALA B 108 -17.08 1.82 6.19
N TYR B 109 -16.23 1.72 5.14
CA TYR B 109 -16.65 0.89 4.00
C TYR B 109 -15.37 0.58 3.20
N GLN B 110 -15.56 -0.28 2.24
CA GLN B 110 -14.43 -0.68 1.38
C GLN B 110 -14.60 0.03 0.04
N VAL B 111 -13.49 0.67 -0.33
CA VAL B 111 -13.43 1.42 -1.59
C VAL B 111 -12.56 0.61 -2.56
N ALA B 112 -12.61 1.08 -3.83
CA ALA B 112 -12.00 0.27 -4.91
C ALA B 112 -10.49 0.47 -4.97
N ALA B 113 -10.02 1.66 -4.56
CA ALA B 113 -8.56 1.82 -4.47
C ALA B 113 -8.33 3.11 -3.67
N LEU B 114 -7.20 3.28 -3.00
CA LEU B 114 -6.90 4.49 -2.24
C LEU B 114 -5.57 5.03 -2.78
N PRO B 115 -5.30 6.30 -2.55
CA PRO B 115 -4.03 6.93 -2.91
C PRO B 115 -2.87 6.07 -2.46
N LYS B 116 -1.81 6.07 -3.26
CA LYS B 116 -0.52 5.42 -3.01
C LYS B 116 -0.52 3.94 -2.81
N GLY B 117 -1.57 3.24 -3.33
CA GLY B 117 -1.78 1.83 -3.09
C GLY B 117 -2.02 1.46 -1.63
N SER B 118 -2.59 2.40 -0.90
CA SER B 118 -2.90 2.35 0.51
C SER B 118 -3.94 1.29 0.81
N ARG B 119 -3.94 0.76 2.02
CA ARG B 119 -4.92 -0.21 2.47
C ARG B 119 -5.90 0.43 3.49
N ILE B 120 -5.61 1.62 3.92
CA ILE B 120 -6.54 2.31 4.87
C ILE B 120 -6.32 3.80 4.78
N GLU B 121 -7.42 4.56 4.68
CA GLU B 121 -7.38 6.01 4.67
C GLU B 121 -8.41 6.50 5.73
N ILE B 122 -8.01 7.51 6.54
CA ILE B 122 -8.93 7.92 7.60
C ILE B 122 -9.25 9.39 7.43
N GLU B 123 -10.57 9.73 7.44
CA GLU B 123 -10.96 11.11 7.27
C GLU B 123 -11.54 11.59 8.61
N ALA B 124 -11.11 12.75 9.05
CA ALA B 124 -11.65 13.11 10.39
C ALA B 124 -12.11 14.56 10.34
N ILE B 125 -13.11 14.83 11.18
CA ILE B 125 -13.67 16.11 11.54
C ILE B 125 -13.54 16.32 13.06
N ALA B 126 -12.83 17.40 13.42
CA ALA B 126 -12.71 17.62 14.85
C ALA B 126 -13.37 18.95 15.18
N VAL B 127 -13.57 19.15 16.50
CA VAL B 127 -14.06 20.46 16.96
C VAL B 127 -13.20 20.91 18.16
N GLN B 128 -12.77 22.18 18.13
CA GLN B 128 -11.93 22.69 19.20
C GLN B 128 -12.74 23.11 20.44
N GLY B 129 -11.88 23.63 21.30
CA GLY B 129 -12.24 24.66 22.33
C GLY B 129 -12.79 23.81 23.43
N PRO B 130 -13.15 24.47 24.50
CA PRO B 130 -13.64 23.71 25.64
C PRO B 130 -15.06 23.30 25.28
N PHE B 131 -15.46 22.19 25.85
CA PHE B 131 -16.81 21.69 25.71
C PHE B 131 -17.55 21.94 27.01
N THR B 132 -18.85 21.83 26.95
CA THR B 132 -19.84 21.91 27.98
C THR B 132 -20.10 23.37 28.38
#